data_3OU0
#
_entry.id   3OU0
#
_cell.length_a   253.929
_cell.length_b   253.929
_cell.length_c   253.929
_cell.angle_alpha   90.00
_cell.angle_beta   90.00
_cell.angle_gamma   90.00
#
_symmetry.space_group_name_H-M   'F 4 3 2'
#
loop_
_entity.id
_entity.type
_entity.pdbx_description
1 polymer 'Periplasmic serine endoprotease DegP'
2 polymer pentapeptide
3 polymer heptapeptide
#
loop_
_entity_poly.entity_id
_entity_poly.type
_entity_poly.pdbx_seq_one_letter_code
_entity_poly.pdbx_strand_id
1 'polypeptide(L)'
;AETSSATTAQQ(MSE)PSLAP(MSE)LEKV(MSE)PSVVSINVEGSTTVNTPR(MSE)PRNFQQFFGDDSPFCQEGSPFQ
SSPFCQGGQGGNGGGQQQKF(MSE)ALGSGVIIDADKGYVVTNNHVVDNATVIKVQLSDGRKFDAK(MSE)VGKDPRSDI
ALIQIQNPKNLTAIK(MSE)ADSDALRVGDYTVAIGNPFGLGETVTSGIVSALGRSGLNAENYENFIQTDAAINRGNAGG
ALVNLNGELIGINTAILAPDGGNIGIGFAIPSN(MSE)VKNLTSQ(MSE)VEYGQVKRGELGI(MSE)GTELNSELAKA
(MSE)KVDAQRGAFVSQVLPNSSAAKAGIKAGDVITSLNGKPISSFAALRAQVGT(MSE)PVGSKLTLGLLRDGKQVNVN
LELQQSSQNQVDSSSIFNGIEGAE(MSE)SNKGKDQGVVVNNVKTGTPAAQIGLKKGDVIIGANQQAVKNIAELRKVLDS
KPSVLALNIQRGDSTIYLL(MSE)Q
;
A
2 'polypeptide(L)' (UNK)(UNK)(UNK)(UNK)(UNK) B
3 'polypeptide(L)' (UNK)(UNK)(UNK)(UNK)(UNK)(UNK)(UNK) C
#
# COMPACT_ATOMS: atom_id res chain seq x y z
N GLN A 11 -22.57 -19.41 -31.96
CA GLN A 11 -22.46 -18.94 -30.58
C GLN A 11 -21.01 -19.01 -30.10
N PRO A 13 -17.56 -17.97 -27.67
CA PRO A 13 -17.06 -17.58 -26.35
C PRO A 13 -16.66 -16.11 -26.35
N SER A 14 -16.87 -15.42 -25.24
CA SER A 14 -16.52 -14.01 -25.16
C SER A 14 -16.41 -13.51 -23.72
N LEU A 15 -15.56 -12.51 -23.52
CA LEU A 15 -15.43 -11.86 -22.22
C LEU A 15 -16.44 -10.74 -22.07
N ALA A 16 -17.14 -10.42 -23.16
CA ALA A 16 -18.04 -9.28 -23.18
C ALA A 16 -19.12 -9.31 -22.11
N PRO A 17 -19.77 -10.47 -21.90
CA PRO A 17 -20.82 -10.49 -20.88
C PRO A 17 -20.27 -10.13 -19.50
N LEU A 19 -17.53 -8.40 -18.81
CA LEU A 19 -17.02 -7.03 -18.81
C LEU A 19 -18.11 -5.95 -18.67
N GLU A 20 -19.30 -6.24 -19.19
CA GLU A 20 -20.41 -5.27 -19.13
C GLU A 20 -20.71 -4.88 -17.69
N LYS A 21 -20.62 -5.84 -16.78
CA LYS A 21 -20.86 -5.59 -15.38
C LYS A 21 -19.65 -4.93 -14.71
N VAL A 22 -18.45 -5.37 -15.10
CA VAL A 22 -17.22 -4.96 -14.43
C VAL A 22 -16.66 -3.60 -14.84
N PRO A 24 -17.77 -0.47 -15.62
CA PRO A 24 -18.07 0.76 -14.91
C PRO A 24 -17.28 0.90 -13.59
N SER A 25 -16.79 -0.21 -13.09
CA SER A 25 -16.07 -0.24 -11.82
C SER A 25 -14.67 0.35 -11.94
N VAL A 26 -14.18 0.47 -13.17
CA VAL A 26 -12.84 1.01 -13.38
C VAL A 26 -12.90 2.43 -13.92
N VAL A 27 -12.34 3.36 -13.15
CA VAL A 27 -12.34 4.76 -13.51
C VAL A 27 -10.92 5.16 -13.91
N SER A 28 -10.78 6.32 -14.54
CA SER A 28 -9.45 6.82 -14.90
C SER A 28 -9.15 8.16 -14.24
N ILE A 29 -7.95 8.28 -13.68
CA ILE A 29 -7.58 9.41 -12.86
C ILE A 29 -6.69 10.42 -13.59
N ASN A 30 -7.11 11.68 -13.58
CA ASN A 30 -6.29 12.77 -14.10
C ASN A 30 -5.74 13.62 -12.97
N VAL A 31 -4.49 14.04 -13.09
CA VAL A 31 -3.81 14.71 -11.98
C VAL A 31 -2.97 15.91 -12.42
N GLU A 32 -3.02 16.98 -11.62
CA GLU A 32 -2.11 18.10 -11.73
C GLU A 32 -1.41 18.26 -10.40
N GLY A 33 -0.12 18.57 -10.43
CA GLY A 33 0.64 18.71 -9.19
C GLY A 33 1.82 19.65 -9.30
N SER A 34 2.68 19.64 -8.29
CA SER A 34 3.86 20.49 -8.27
C SER A 34 4.92 20.02 -7.27
N THR A 35 6.17 20.40 -7.53
CA THR A 35 7.27 20.10 -6.63
C THR A 35 8.45 21.00 -6.96
N GLN A 82 6.98 24.48 -10.31
CA GLN A 82 7.29 23.37 -11.21
C GLN A 82 6.08 22.45 -11.38
N LYS A 83 5.25 22.75 -12.37
CA LYS A 83 3.98 22.04 -12.55
C LYS A 83 4.12 20.80 -13.43
N PHE A 84 3.39 19.74 -13.07
CA PHE A 84 3.36 18.52 -13.87
C PHE A 84 1.94 17.99 -14.06
N ALA A 86 -0.12 14.15 -14.85
CA ALA A 86 -0.03 12.70 -15.01
C ALA A 86 -1.42 12.08 -15.12
N LEU A 87 -1.46 10.82 -15.52
CA LEU A 87 -2.73 10.10 -15.61
C LEU A 87 -2.55 8.60 -15.43
N GLY A 88 -3.59 7.95 -14.94
CA GLY A 88 -3.57 6.52 -14.71
C GLY A 88 -4.98 5.99 -14.55
N SER A 89 -5.12 4.97 -13.71
CA SER A 89 -6.41 4.32 -13.53
C SER A 89 -6.68 4.10 -12.06
N GLY A 90 -7.92 3.70 -11.75
CA GLY A 90 -8.31 3.41 -10.39
C GLY A 90 -9.51 2.50 -10.37
N VAL A 91 -9.77 1.88 -9.22
CA VAL A 91 -10.88 0.95 -9.11
C VAL A 91 -11.82 1.36 -7.97
N ILE A 92 -13.12 1.39 -8.27
CA ILE A 92 -14.12 1.71 -7.27
C ILE A 92 -14.28 0.55 -6.30
N ILE A 93 -14.10 0.84 -5.02
CA ILE A 93 -14.09 -0.19 -3.98
C ILE A 93 -15.36 -0.13 -3.12
N ASP A 94 -15.92 1.06 -3.00
CA ASP A 94 -17.17 1.27 -2.28
C ASP A 94 -18.03 2.27 -3.04
N ALA A 95 -19.11 1.79 -3.64
CA ALA A 95 -19.94 2.62 -4.51
C ALA A 95 -20.64 3.75 -3.75
N ASP A 96 -21.05 3.45 -2.53
CA ASP A 96 -21.79 4.42 -1.72
C ASP A 96 -20.92 5.59 -1.28
N LYS A 97 -19.74 5.26 -0.73
CA LYS A 97 -18.83 6.27 -0.20
C LYS A 97 -17.96 6.90 -1.29
N GLY A 98 -17.85 6.22 -2.43
CA GLY A 98 -17.05 6.70 -3.54
C GLY A 98 -15.56 6.48 -3.35
N TYR A 99 -15.21 5.43 -2.61
CA TYR A 99 -13.81 5.08 -2.40
C TYR A 99 -13.22 4.49 -3.69
N VAL A 100 -11.99 4.87 -3.99
CA VAL A 100 -11.33 4.46 -5.22
C VAL A 100 -9.86 4.17 -4.96
N VAL A 101 -9.46 2.91 -5.13
CA VAL A 101 -8.07 2.54 -4.94
C VAL A 101 -7.25 2.82 -6.20
N THR A 102 -5.97 3.10 -6.02
CA THR A 102 -5.09 3.43 -7.12
C THR A 102 -3.65 3.35 -6.65
N ASN A 103 -2.71 3.55 -7.57
CA ASN A 103 -1.30 3.55 -7.20
C ASN A 103 -0.88 4.85 -6.54
N ASN A 104 -0.09 4.73 -5.48
CA ASN A 104 0.40 5.91 -4.78
C ASN A 104 1.23 6.79 -5.70
N HIS A 105 1.95 6.18 -6.63
CA HIS A 105 2.85 6.92 -7.51
C HIS A 105 2.09 7.70 -8.59
N VAL A 106 0.79 7.44 -8.71
CA VAL A 106 -0.03 8.11 -9.70
C VAL A 106 -0.57 9.43 -9.15
N VAL A 107 -0.85 9.44 -7.85
CA VAL A 107 -1.53 10.56 -7.21
C VAL A 107 -0.60 11.29 -6.25
N ASP A 108 0.66 10.87 -6.20
CA ASP A 108 1.66 11.48 -5.33
C ASP A 108 1.90 12.94 -5.70
N ASN A 109 1.93 13.81 -4.70
CA ASN A 109 2.19 15.23 -4.91
C ASN A 109 1.15 15.90 -5.82
N ALA A 110 -0.09 15.50 -5.67
CA ALA A 110 -1.17 16.02 -6.51
C ALA A 110 -1.92 17.15 -5.83
N THR A 111 -2.07 18.27 -6.53
CA THR A 111 -2.88 19.38 -6.05
C THR A 111 -4.33 19.18 -6.46
N VAL A 112 -4.52 18.69 -7.68
CA VAL A 112 -5.86 18.43 -8.21
C VAL A 112 -6.00 16.97 -8.66
N ILE A 113 -7.12 16.36 -8.30
CA ILE A 113 -7.41 14.99 -8.70
C ILE A 113 -8.83 14.91 -9.26
N LYS A 114 -8.94 14.53 -10.53
CA LYS A 114 -10.26 14.32 -11.12
C LYS A 114 -10.43 12.90 -11.67
N VAL A 115 -11.64 12.38 -11.54
CA VAL A 115 -11.96 11.01 -11.89
C VAL A 115 -12.99 10.95 -13.00
N GLN A 116 -12.74 10.14 -14.03
CA GLN A 116 -13.68 10.00 -15.12
C GLN A 116 -14.19 8.57 -15.28
N LEU A 117 -15.49 8.38 -15.10
CA LEU A 117 -16.10 7.07 -15.23
C LEU A 117 -16.08 6.60 -16.67
N SER A 118 -16.54 5.37 -16.88
CA SER A 118 -16.58 4.78 -18.22
C SER A 118 -17.60 5.49 -19.10
N ASP A 119 -18.67 5.99 -18.49
CA ASP A 119 -19.78 6.59 -19.22
C ASP A 119 -19.54 8.07 -19.56
N GLY A 120 -18.37 8.58 -19.21
CA GLY A 120 -18.02 9.95 -19.55
C GLY A 120 -18.07 10.93 -18.40
N ARG A 121 -18.82 10.61 -17.36
CA ARG A 121 -18.98 11.50 -16.21
C ARG A 121 -17.67 11.84 -15.51
N LYS A 122 -17.53 13.09 -15.10
CA LYS A 122 -16.37 13.52 -14.33
C LYS A 122 -16.72 13.89 -12.89
N PHE A 123 -15.81 13.55 -11.98
CA PHE A 123 -15.94 13.95 -10.58
C PHE A 123 -14.61 14.49 -10.10
N ASP A 124 -14.63 15.23 -9.00
CA ASP A 124 -13.40 15.58 -8.33
C ASP A 124 -13.21 14.64 -7.16
N ALA A 125 -11.96 14.27 -6.89
CA ALA A 125 -11.68 13.38 -5.77
C ALA A 125 -10.65 14.00 -4.84
N LYS A 126 -10.66 13.56 -3.59
CA LYS A 126 -9.71 14.04 -2.59
C LYS A 126 -8.95 12.86 -2.00
N VAL A 128 -7.53 10.29 0.54
CA VAL A 128 -7.93 9.74 1.83
C VAL A 128 -6.72 9.16 2.55
N GLY A 129 -5.93 8.38 1.83
CA GLY A 129 -4.73 7.77 2.38
C GLY A 129 -3.72 7.44 1.30
N LYS A 130 -2.49 7.15 1.70
CA LYS A 130 -1.45 6.79 0.75
C LYS A 130 -0.32 6.04 1.45
N ASP A 131 0.18 5.00 0.79
CA ASP A 131 1.30 4.22 1.32
C ASP A 131 2.37 4.03 0.26
N PRO A 132 3.44 4.84 0.33
CA PRO A 132 4.57 4.76 -0.59
C PRO A 132 5.24 3.38 -0.58
N ARG A 133 5.35 2.77 0.59
CA ARG A 133 6.06 1.49 0.74
C ARG A 133 5.43 0.36 -0.07
N SER A 134 4.11 0.32 -0.11
CA SER A 134 3.41 -0.70 -0.89
C SER A 134 2.88 -0.12 -2.21
N ASP A 135 3.00 1.19 -2.35
CA ASP A 135 2.56 1.89 -3.56
C ASP A 135 1.06 1.83 -3.75
N ILE A 136 0.32 1.89 -2.65
CA ILE A 136 -1.13 1.90 -2.70
C ILE A 136 -1.68 3.17 -2.08
N ALA A 137 -2.51 3.89 -2.84
CA ALA A 137 -3.15 5.09 -2.33
C ALA A 137 -4.67 4.98 -2.46
N LEU A 138 -5.37 5.57 -1.51
CA LEU A 138 -6.83 5.57 -1.51
C LEU A 138 -7.35 6.99 -1.67
N ILE A 139 -8.22 7.20 -2.65
CA ILE A 139 -8.84 8.51 -2.84
C ILE A 139 -10.35 8.37 -2.72
N GLN A 140 -11.03 9.50 -2.67
CA GLN A 140 -12.48 9.49 -2.52
C GLN A 140 -13.16 10.47 -3.47
N ILE A 141 -14.09 9.94 -4.27
CA ILE A 141 -14.89 10.77 -5.16
C ILE A 141 -15.79 11.68 -4.34
N GLN A 142 -15.89 12.93 -4.77
CA GLN A 142 -16.70 13.92 -4.06
C GLN A 142 -18.09 14.01 -4.69
N ASN A 143 -19.12 13.84 -3.87
CA ASN A 143 -20.48 13.76 -4.38
C ASN A 143 -20.68 12.52 -5.25
N PRO A 144 -20.55 11.34 -4.64
CA PRO A 144 -20.65 10.04 -5.31
C PRO A 144 -22.10 9.74 -5.67
N LYS A 145 -22.37 9.63 -6.97
CA LYS A 145 -23.71 9.36 -7.46
C LYS A 145 -23.73 8.12 -8.33
N ASN A 146 -24.56 7.15 -7.99
CA ASN A 146 -24.84 6.03 -8.87
C ASN A 146 -23.58 5.32 -9.38
N LEU A 147 -22.71 4.92 -8.46
CA LEU A 147 -21.47 4.25 -8.83
C LEU A 147 -21.61 2.73 -8.82
N THR A 148 -20.61 2.07 -9.39
CA THR A 148 -20.53 0.61 -9.39
C THR A 148 -19.18 0.16 -8.83
N ALA A 149 -19.21 -0.60 -7.74
CA ALA A 149 -17.98 -1.09 -7.13
C ALA A 149 -17.63 -2.48 -7.62
N ILE A 150 -16.39 -2.89 -7.40
CA ILE A 150 -15.95 -4.21 -7.83
C ILE A 150 -15.91 -5.15 -6.64
N LYS A 151 -16.27 -6.41 -6.86
CA LYS A 151 -16.11 -7.42 -5.83
C LYS A 151 -14.68 -7.93 -5.87
N ALA A 153 -11.64 -10.70 -5.15
CA ALA A 153 -11.40 -12.13 -5.06
C ALA A 153 -10.29 -12.41 -4.05
N ASP A 154 -10.21 -13.65 -3.60
CA ASP A 154 -9.14 -14.06 -2.70
C ASP A 154 -7.89 -14.36 -3.52
N SER A 155 -6.90 -13.48 -3.44
CA SER A 155 -5.70 -13.61 -4.26
C SER A 155 -4.82 -14.78 -3.82
N ASP A 156 -5.10 -15.34 -2.64
CA ASP A 156 -4.34 -16.47 -2.15
C ASP A 156 -4.72 -17.75 -2.88
N ALA A 157 -5.82 -17.71 -3.63
CA ALA A 157 -6.30 -18.86 -4.37
C ALA A 157 -5.84 -18.83 -5.82
N LEU A 158 -4.98 -17.86 -6.15
CA LEU A 158 -4.46 -17.72 -7.51
C LEU A 158 -3.43 -18.79 -7.83
N ARG A 159 -3.50 -19.32 -9.04
CA ARG A 159 -2.49 -20.24 -9.54
C ARG A 159 -1.92 -19.74 -10.87
N VAL A 160 -0.65 -20.04 -11.10
CA VAL A 160 -0.04 -19.73 -12.38
C VAL A 160 -0.73 -20.53 -13.48
N GLY A 161 -1.17 -19.83 -14.52
CA GLY A 161 -1.91 -20.47 -15.60
C GLY A 161 -3.36 -20.01 -15.60
N ASP A 162 -3.82 -19.50 -14.47
CA ASP A 162 -5.15 -18.90 -14.39
C ASP A 162 -5.22 -17.74 -15.39
N TYR A 163 -6.40 -17.54 -15.98
CA TYR A 163 -6.56 -16.45 -16.95
C TYR A 163 -6.80 -15.11 -16.26
N THR A 164 -6.32 -14.03 -16.89
CA THR A 164 -6.44 -12.69 -16.33
C THR A 164 -6.93 -11.67 -17.35
N VAL A 165 -7.60 -10.63 -16.87
CA VAL A 165 -8.00 -9.50 -17.70
C VAL A 165 -7.54 -8.19 -17.07
N ALA A 166 -6.94 -7.32 -17.87
CA ALA A 166 -6.48 -6.03 -17.41
C ALA A 166 -7.33 -4.91 -17.97
N ILE A 167 -7.64 -3.92 -17.14
CA ILE A 167 -8.51 -2.82 -17.52
C ILE A 167 -7.97 -1.49 -17.00
N GLY A 168 -7.69 -0.57 -17.91
CA GLY A 168 -7.12 0.71 -17.52
C GLY A 168 -7.06 1.71 -18.66
N ASN A 169 -6.29 2.79 -18.45
CA ASN A 169 -6.22 3.88 -19.42
C ASN A 169 -4.83 4.11 -19.98
N PRO A 170 -4.38 3.23 -20.89
CA PRO A 170 -3.06 3.40 -21.50
C PRO A 170 -3.00 4.66 -22.36
N PHE A 171 -1.97 5.48 -22.13
CA PHE A 171 -1.74 6.66 -22.96
C PHE A 171 -2.97 7.56 -23.11
N GLY A 172 -3.87 7.50 -22.13
CA GLY A 172 -5.04 8.36 -22.13
C GLY A 172 -6.09 8.04 -23.18
N LEU A 173 -5.91 6.93 -23.88
CA LEU A 173 -6.84 6.50 -24.91
C LEU A 173 -8.26 6.35 -24.39
N GLY A 174 -8.38 5.90 -23.15
CA GLY A 174 -9.68 5.62 -22.56
C GLY A 174 -9.72 4.18 -22.05
N GLU A 175 -10.86 3.78 -21.51
CA GLU A 175 -10.99 2.45 -20.92
C GLU A 175 -10.62 1.35 -21.91
N THR A 176 -9.51 0.68 -21.62
CA THR A 176 -8.95 -0.32 -22.52
C THR A 176 -8.85 -1.68 -21.82
N VAL A 177 -9.20 -2.73 -22.55
CA VAL A 177 -9.17 -4.08 -21.99
C VAL A 177 -8.21 -4.98 -22.73
N THR A 178 -7.39 -5.71 -21.98
CA THR A 178 -6.42 -6.63 -22.55
C THR A 178 -6.41 -7.92 -21.74
N SER A 179 -5.91 -9.00 -22.32
CA SER A 179 -5.99 -10.30 -21.65
C SER A 179 -4.67 -11.08 -21.67
N GLY A 180 -4.50 -11.94 -20.67
CA GLY A 180 -3.34 -12.80 -20.58
C GLY A 180 -3.56 -13.93 -19.59
N ILE A 181 -2.49 -14.35 -18.92
CA ILE A 181 -2.58 -15.33 -17.86
C ILE A 181 -1.66 -14.94 -16.72
N VAL A 182 -1.83 -15.59 -15.57
CA VAL A 182 -0.90 -15.45 -14.47
C VAL A 182 0.40 -16.16 -14.85
N SER A 183 1.47 -15.39 -14.99
CA SER A 183 2.76 -15.93 -15.41
C SER A 183 3.58 -16.42 -14.22
N ALA A 184 3.40 -15.74 -13.08
CA ALA A 184 4.16 -16.07 -11.88
C ALA A 184 3.52 -15.42 -10.67
N LEU A 185 3.89 -15.89 -9.48
CA LEU A 185 3.36 -15.34 -8.24
C LEU A 185 4.48 -15.02 -7.25
N GLY A 186 4.25 -14.01 -6.41
CA GLY A 186 5.19 -13.65 -5.37
C GLY A 186 6.46 -12.97 -5.87
N ARG A 187 6.40 -12.42 -7.07
CA ARG A 187 7.55 -11.71 -7.62
C ARG A 187 7.88 -10.46 -6.82
N SER A 188 9.17 -10.23 -6.60
CA SER A 188 9.64 -9.06 -5.87
C SER A 188 11.09 -8.76 -6.23
N GLY A 189 11.57 -7.59 -5.82
CA GLY A 189 12.93 -7.20 -6.09
C GLY A 189 13.03 -5.91 -6.90
N LEU A 190 11.89 -5.43 -7.39
CA LEU A 190 11.87 -4.20 -8.17
C LEU A 190 12.39 -3.04 -7.32
N ASN A 191 11.98 -3.01 -6.05
CA ASN A 191 12.52 -2.07 -5.08
C ASN A 191 12.59 -2.73 -3.71
N ALA A 192 13.80 -3.03 -3.25
CA ALA A 192 14.01 -3.85 -2.07
C ALA A 192 13.56 -3.21 -0.76
N GLU A 193 13.20 -1.93 -0.80
CA GLU A 193 12.70 -1.24 0.39
C GLU A 193 11.18 -1.29 0.46
N ASN A 194 10.55 -1.60 -0.66
CA ASN A 194 9.10 -1.69 -0.73
C ASN A 194 8.59 -3.08 -0.36
N TYR A 195 7.33 -3.15 0.08
CA TYR A 195 6.67 -4.42 0.31
C TYR A 195 6.06 -4.89 -0.99
N GLU A 196 6.67 -5.89 -1.62
CA GLU A 196 6.21 -6.36 -2.91
C GLU A 196 5.96 -7.87 -2.95
N ASN A 197 4.75 -8.25 -3.33
CA ASN A 197 4.38 -9.65 -3.51
C ASN A 197 3.58 -9.78 -4.80
N PHE A 198 4.20 -9.41 -5.90
CA PHE A 198 3.49 -9.21 -7.17
C PHE A 198 2.94 -10.47 -7.84
N ILE A 199 1.77 -10.29 -8.46
CA ILE A 199 1.30 -11.20 -9.48
C ILE A 199 1.91 -10.74 -10.79
N GLN A 200 2.43 -11.66 -11.59
CA GLN A 200 2.99 -11.32 -12.89
C GLN A 200 2.09 -11.85 -13.99
N THR A 201 1.93 -11.07 -15.06
CA THR A 201 1.01 -11.43 -16.14
C THR A 201 1.49 -10.96 -17.51
N ASP A 202 1.04 -11.63 -18.56
CA ASP A 202 1.38 -11.23 -19.91
C ASP A 202 0.24 -10.50 -20.62
N ALA A 203 -0.79 -10.12 -19.85
CA ALA A 203 -1.81 -9.22 -20.36
C ALA A 203 -1.17 -7.86 -20.57
N ALA A 204 -1.40 -7.25 -21.72
CA ALA A 204 -0.73 -6.00 -22.09
C ALA A 204 -0.97 -4.90 -21.07
N ILE A 205 0.13 -4.33 -20.57
CA ILE A 205 0.06 -3.22 -19.62
C ILE A 205 1.04 -2.13 -20.05
N ASN A 206 0.55 -0.90 -20.14
CA ASN A 206 1.39 0.23 -20.52
C ASN A 206 1.13 1.45 -19.64
N ARG A 207 1.91 2.51 -19.86
CA ARG A 207 1.73 3.77 -19.15
C ARG A 207 0.28 4.21 -19.17
N GLY A 208 -0.30 4.41 -17.99
CA GLY A 208 -1.70 4.78 -17.87
C GLY A 208 -2.53 3.65 -17.28
N ASN A 209 -1.98 2.45 -17.31
CA ASN A 209 -2.65 1.28 -16.76
C ASN A 209 -2.54 1.19 -15.23
N ALA A 210 -1.67 2.00 -14.64
CA ALA A 210 -1.41 1.94 -13.21
C ALA A 210 -2.63 2.31 -12.38
N GLY A 211 -2.88 1.53 -11.34
CA GLY A 211 -4.05 1.74 -10.49
C GLY A 211 -5.25 1.02 -11.07
N GLY A 212 -5.12 0.57 -12.31
CA GLY A 212 -6.19 -0.16 -12.98
C GLY A 212 -6.39 -1.56 -12.45
N ALA A 213 -7.45 -2.21 -12.93
CA ALA A 213 -7.87 -3.51 -12.41
C ALA A 213 -7.24 -4.70 -13.11
N LEU A 214 -6.95 -5.73 -12.32
CA LEU A 214 -6.61 -7.04 -12.87
C LEU A 214 -7.62 -8.01 -12.28
N VAL A 215 -8.39 -8.66 -13.14
CA VAL A 215 -9.49 -9.50 -12.68
C VAL A 215 -9.42 -10.90 -13.26
N ASN A 216 -10.12 -11.84 -12.63
CA ASN A 216 -10.26 -13.18 -13.19
C ASN A 216 -11.45 -13.22 -14.12
N LEU A 217 -11.73 -14.40 -14.69
CA LEU A 217 -12.80 -14.53 -15.66
C LEU A 217 -14.18 -14.24 -15.08
N ASN A 218 -14.29 -14.18 -13.76
CA ASN A 218 -15.56 -13.90 -13.11
C ASN A 218 -15.73 -12.43 -12.74
N GLY A 219 -14.84 -11.59 -13.23
CA GLY A 219 -14.92 -10.17 -12.97
C GLY A 219 -14.69 -9.82 -11.50
N GLU A 220 -13.85 -10.61 -10.84
CA GLU A 220 -13.44 -10.28 -9.48
C GLU A 220 -12.01 -9.77 -9.50
N LEU A 221 -11.76 -8.73 -8.71
CA LEU A 221 -10.43 -8.14 -8.63
C LEU A 221 -9.45 -9.07 -7.94
N ILE A 222 -8.35 -9.38 -8.62
CA ILE A 222 -7.30 -10.20 -8.05
C ILE A 222 -6.04 -9.38 -7.82
N GLY A 223 -5.96 -8.22 -8.46
CA GLY A 223 -4.79 -7.37 -8.32
C GLY A 223 -4.96 -5.96 -8.84
N ILE A 224 -3.97 -5.12 -8.56
CA ILE A 224 -3.92 -3.75 -9.06
C ILE A 224 -2.62 -3.60 -9.85
N ASN A 225 -2.74 -3.26 -11.14
CA ASN A 225 -1.58 -3.12 -11.99
C ASN A 225 -0.70 -1.95 -11.55
N THR A 226 0.59 -2.23 -11.33
CA THR A 226 1.49 -1.21 -10.80
C THR A 226 2.68 -0.92 -11.71
N ALA A 227 3.26 -1.96 -12.30
CA ALA A 227 4.51 -1.79 -13.05
C ALA A 227 4.72 -2.80 -14.16
N ILE A 228 5.70 -2.51 -15.00
CA ILE A 228 6.10 -3.42 -16.07
C ILE A 228 7.62 -3.46 -16.19
N LEU A 229 8.12 -4.53 -16.79
CA LEU A 229 9.54 -4.61 -17.12
C LEU A 229 9.69 -4.31 -18.61
N ALA A 230 10.17 -3.10 -18.91
CA ALA A 230 10.24 -2.65 -20.29
C ALA A 230 11.46 -1.77 -20.55
N PRO A 231 12.41 -2.28 -21.35
CA PRO A 231 13.61 -1.53 -21.72
C PRO A 231 13.30 -0.32 -22.59
N ASP A 232 12.12 -0.31 -23.22
CA ASP A 232 11.77 0.71 -24.18
C ASP A 232 10.55 1.54 -23.76
N GLY A 233 10.12 1.37 -22.51
CA GLY A 233 8.94 2.06 -22.04
C GLY A 233 7.68 1.55 -22.73
N GLY A 234 7.79 0.36 -23.33
CA GLY A 234 6.66 -0.28 -23.96
C GLY A 234 6.55 -1.73 -23.52
N ASN A 235 5.31 -2.22 -23.39
CA ASN A 235 5.06 -3.58 -22.90
C ASN A 235 5.68 -4.69 -23.75
N ILE A 236 6.34 -5.64 -23.07
CA ILE A 236 6.95 -6.78 -23.75
C ILE A 236 6.44 -8.12 -23.22
N GLY A 237 5.37 -8.08 -22.43
CA GLY A 237 4.75 -9.30 -21.93
C GLY A 237 5.04 -9.58 -20.46
N ILE A 238 5.55 -8.57 -19.76
CA ILE A 238 5.87 -8.73 -18.35
C ILE A 238 5.27 -7.61 -17.51
N GLY A 239 4.16 -7.89 -16.84
CA GLY A 239 3.49 -6.91 -16.01
C GLY A 239 3.32 -7.39 -14.59
N PHE A 240 3.19 -6.46 -13.65
CA PHE A 240 3.09 -6.78 -12.24
C PHE A 240 1.90 -6.08 -11.59
N ALA A 241 1.19 -6.81 -10.73
CA ALA A 241 0.05 -6.25 -10.00
C ALA A 241 0.15 -6.58 -8.52
N ILE A 242 -0.37 -5.69 -7.68
CA ILE A 242 -0.43 -5.94 -6.24
C ILE A 242 -1.61 -6.85 -5.93
N PRO A 243 -1.37 -7.95 -5.21
CA PRO A 243 -2.44 -8.90 -4.91
C PRO A 243 -3.61 -8.22 -4.23
N SER A 244 -4.83 -8.72 -4.49
CA SER A 244 -6.03 -8.08 -3.97
C SER A 244 -6.16 -8.20 -2.45
N ASN A 245 -5.53 -9.21 -1.88
CA ASN A 245 -5.55 -9.38 -0.43
C ASN A 245 -4.81 -8.24 0.27
N VAL A 247 -4.45 -5.31 -0.95
CA VAL A 247 -5.27 -4.12 -1.16
C VAL A 247 -6.41 -4.05 -0.14
N LYS A 248 -7.00 -5.21 0.14
CA LYS A 248 -8.08 -5.29 1.12
C LYS A 248 -7.62 -4.82 2.50
N ASN A 249 -6.41 -5.23 2.87
CA ASN A 249 -5.86 -4.90 4.19
C ASN A 249 -5.39 -3.46 4.33
N LEU A 250 -4.75 -2.94 3.29
CA LEU A 250 -4.19 -1.60 3.34
C LEU A 250 -5.27 -0.53 3.26
N THR A 251 -6.21 -0.71 2.34
CA THR A 251 -7.26 0.28 2.15
C THR A 251 -8.20 0.35 3.37
N SER A 252 -8.57 -0.81 3.89
CA SER A 252 -9.49 -0.84 5.03
C SER A 252 -8.94 -0.05 6.22
N GLN A 253 -7.62 0.05 6.29
CA GLN A 253 -6.97 0.85 7.33
C GLN A 253 -7.09 2.34 7.00
N VAL A 255 -9.08 3.91 5.29
CA VAL A 255 -10.46 4.40 5.37
C VAL A 255 -10.78 4.92 6.76
N GLU A 256 -10.25 4.24 7.77
CA GLU A 256 -10.59 4.54 9.16
C GLU A 256 -9.62 5.52 9.83
N TYR A 257 -8.34 5.43 9.50
CA TYR A 257 -7.33 6.18 10.23
C TYR A 257 -6.48 7.12 9.36
N GLY A 258 -6.59 6.99 8.04
CA GLY A 258 -5.87 7.87 7.16
C GLY A 258 -4.48 7.38 6.81
N GLN A 259 -4.01 6.39 7.55
CA GLN A 259 -2.73 5.75 7.26
C GLN A 259 -2.74 4.30 7.73
N VAL A 260 -1.66 3.59 7.44
CA VAL A 260 -1.53 2.20 7.88
C VAL A 260 -0.70 2.09 9.15
N LYS A 261 -1.26 1.44 10.17
CA LYS A 261 -0.53 1.18 11.40
C LYS A 261 0.24 -0.12 11.26
N ARG A 262 1.53 -0.01 10.96
CA ARG A 262 2.36 -1.16 10.64
C ARG A 262 2.69 -2.02 11.85
N GLY A 263 2.62 -3.34 11.68
CA GLY A 263 2.99 -4.27 12.73
C GLY A 263 4.30 -4.96 12.42
N GLU A 264 4.97 -5.49 13.44
CA GLU A 264 6.23 -6.20 13.23
C GLU A 264 6.39 -7.37 14.21
N LEU A 265 6.98 -8.46 13.69
CA LEU A 265 7.30 -9.61 14.52
C LEU A 265 8.58 -9.34 15.30
N GLY A 266 9.45 -8.52 14.72
CA GLY A 266 10.72 -8.20 15.32
C GLY A 266 11.74 -9.29 15.07
N ILE A 267 12.04 -9.52 13.79
CA ILE A 267 13.06 -10.50 13.42
C ILE A 267 13.83 -10.03 12.19
N GLY A 269 16.26 -11.16 8.99
CA GLY A 269 16.34 -12.37 8.17
C GLY A 269 16.74 -12.13 6.74
N THR A 270 16.81 -13.21 5.97
CA THR A 270 17.14 -13.12 4.55
C THR A 270 16.57 -14.32 3.79
N GLU A 271 16.63 -14.25 2.47
CA GLU A 271 16.11 -15.31 1.61
C GLU A 271 16.87 -16.61 1.83
N LEU A 272 16.14 -17.69 2.06
CA LEU A 272 16.75 -19.01 2.16
C LEU A 272 16.98 -19.61 0.78
N ASN A 273 18.23 -19.59 0.33
CA ASN A 273 18.59 -20.21 -0.94
C ASN A 273 19.21 -21.59 -0.73
N SER A 274 19.44 -22.32 -1.81
CA SER A 274 19.92 -23.69 -1.72
C SER A 274 21.31 -23.78 -1.07
N GLU A 275 22.15 -22.79 -1.35
CA GLU A 275 23.50 -22.77 -0.80
C GLU A 275 23.46 -22.57 0.72
N LEU A 276 22.59 -21.67 1.16
CA LEU A 276 22.45 -21.38 2.58
C LEU A 276 21.83 -22.57 3.30
N ALA A 277 20.99 -23.32 2.60
CA ALA A 277 20.34 -24.49 3.17
C ALA A 277 21.33 -25.63 3.37
N LYS A 278 22.39 -25.65 2.57
CA LYS A 278 23.46 -26.64 2.72
C LYS A 278 24.25 -26.33 3.98
N ALA A 279 24.67 -25.07 4.10
CA ALA A 279 25.41 -24.64 5.28
C ALA A 279 24.64 -24.94 6.56
N LYS A 281 22.22 -27.22 7.02
CA LYS A 281 21.67 -28.57 7.12
C LYS A 281 20.15 -28.55 7.05
N VAL A 282 19.62 -27.64 6.22
CA VAL A 282 18.18 -27.52 6.04
C VAL A 282 17.73 -28.16 4.73
N ASP A 283 16.54 -28.77 4.76
CA ASP A 283 16.00 -29.45 3.59
C ASP A 283 15.34 -28.50 2.59
N ALA A 284 14.61 -27.53 3.10
CA ALA A 284 13.88 -26.59 2.26
C ALA A 284 14.82 -25.66 1.51
N GLN A 285 14.55 -25.44 0.22
CA GLN A 285 15.37 -24.56 -0.61
C GLN A 285 14.74 -23.17 -0.74
N ARG A 286 13.74 -22.88 0.09
CA ARG A 286 13.06 -21.60 0.04
C ARG A 286 12.30 -21.32 1.33
N GLY A 287 12.25 -20.05 1.72
CA GLY A 287 11.61 -19.64 2.95
C GLY A 287 12.36 -18.50 3.59
N ALA A 288 11.88 -18.05 4.75
CA ALA A 288 12.51 -16.95 5.46
C ALA A 288 13.47 -17.46 6.52
N PHE A 289 14.73 -17.07 6.43
CA PHE A 289 15.73 -17.48 7.40
C PHE A 289 15.86 -16.43 8.49
N VAL A 290 15.67 -16.85 9.74
CA VAL A 290 15.77 -15.93 10.87
C VAL A 290 17.23 -15.67 11.24
N SER A 291 17.71 -14.49 10.87
CA SER A 291 19.06 -14.06 11.22
C SER A 291 19.16 -13.88 12.74
N GLN A 292 18.16 -13.20 13.30
CA GLN A 292 18.12 -12.94 14.74
C GLN A 292 16.73 -12.45 15.13
N VAL A 293 16.39 -12.59 16.42
CA VAL A 293 15.11 -12.07 16.91
C VAL A 293 15.36 -10.98 17.95
N LEU A 294 14.66 -9.85 17.78
CA LEU A 294 14.82 -8.72 18.69
C LEU A 294 14.23 -9.04 20.05
N PRO A 295 14.90 -8.62 21.12
CA PRO A 295 14.39 -8.80 22.48
C PRO A 295 13.11 -7.99 22.71
N ASN A 296 12.19 -8.53 23.51
CA ASN A 296 10.92 -7.87 23.79
C ASN A 296 10.05 -7.73 22.56
N SER A 297 10.32 -8.54 21.55
CA SER A 297 9.50 -8.58 20.35
C SER A 297 8.50 -9.72 20.44
N SER A 298 7.41 -9.62 19.70
CA SER A 298 6.40 -10.66 19.70
C SER A 298 6.99 -12.01 19.36
N ALA A 299 7.95 -12.01 18.44
CA ALA A 299 8.61 -13.25 18.01
C ALA A 299 9.35 -13.90 19.17
N ALA A 300 10.15 -13.09 19.88
CA ALA A 300 10.88 -13.58 21.04
C ALA A 300 9.94 -14.21 22.06
N LYS A 301 8.90 -13.46 22.42
CA LYS A 301 7.91 -13.93 23.39
C LYS A 301 7.27 -15.24 22.93
N ALA A 302 7.14 -15.39 21.61
CA ALA A 302 6.45 -16.54 21.04
C ALA A 302 7.29 -17.82 21.08
N GLY A 303 8.61 -17.65 21.11
CA GLY A 303 9.51 -18.78 21.18
C GLY A 303 10.31 -19.01 19.91
N ILE A 304 10.47 -17.94 19.12
CA ILE A 304 11.26 -18.02 17.89
C ILE A 304 12.73 -17.75 18.17
N LYS A 305 13.59 -18.58 17.60
CA LYS A 305 15.02 -18.50 17.82
C LYS A 305 15.72 -18.33 16.48
N ALA A 306 16.90 -17.73 16.49
CA ALA A 306 17.68 -17.57 15.27
C ALA A 306 17.99 -18.93 14.67
N GLY A 307 18.39 -18.94 13.40
CA GLY A 307 18.67 -20.20 12.70
C GLY A 307 17.39 -20.95 12.39
N ASP A 308 16.25 -20.34 12.67
CA ASP A 308 14.96 -20.90 12.32
C ASP A 308 14.62 -20.58 10.87
N VAL A 309 13.76 -21.40 10.28
CA VAL A 309 13.28 -21.14 8.93
C VAL A 309 11.76 -21.16 8.91
N ILE A 310 11.19 -20.07 8.42
CA ILE A 310 9.74 -19.95 8.36
C ILE A 310 9.21 -20.44 7.01
N THR A 311 8.31 -21.42 7.07
CA THR A 311 7.85 -22.11 5.88
C THR A 311 6.40 -21.82 5.53
N SER A 312 5.62 -21.40 6.52
CA SER A 312 4.21 -21.12 6.29
C SER A 312 3.73 -19.94 7.13
N LEU A 313 2.62 -19.35 6.71
CA LEU A 313 1.96 -18.30 7.47
C LEU A 313 0.45 -18.53 7.43
N ASN A 314 -0.14 -18.73 8.60
CA ASN A 314 -1.57 -19.02 8.68
C ASN A 314 -1.98 -20.17 7.77
N GLY A 315 -1.10 -21.16 7.64
CA GLY A 315 -1.38 -22.33 6.83
C GLY A 315 -0.79 -22.25 5.44
N LYS A 316 -0.81 -21.06 4.86
CA LYS A 316 -0.31 -20.83 3.51
C LYS A 316 1.21 -20.91 3.45
N PRO A 317 1.75 -21.77 2.58
CA PRO A 317 3.20 -21.86 2.38
C PRO A 317 3.80 -20.51 2.02
N ILE A 318 5.10 -20.36 2.26
CA ILE A 318 5.79 -19.09 2.02
C ILE A 318 6.76 -19.17 0.85
N SER A 319 6.54 -18.31 -0.15
CA SER A 319 7.42 -18.23 -1.31
C SER A 319 8.83 -17.79 -0.90
N SER A 320 8.91 -16.73 -0.10
CA SER A 320 10.19 -16.14 0.23
C SER A 320 10.11 -15.25 1.48
N PHE A 321 11.26 -14.76 1.92
CA PHE A 321 11.32 -13.80 3.02
C PHE A 321 10.64 -12.51 2.57
N ALA A 322 10.92 -12.10 1.35
CA ALA A 322 10.35 -10.89 0.77
C ALA A 322 8.82 -10.93 0.82
N ALA A 323 8.25 -12.05 0.42
CA ALA A 323 6.81 -12.23 0.44
C ALA A 323 6.28 -12.13 1.87
N LEU A 324 6.89 -12.89 2.77
CA LEU A 324 6.49 -12.87 4.18
C LEU A 324 6.46 -11.45 4.73
N ARG A 325 7.54 -10.71 4.48
CA ARG A 325 7.62 -9.32 4.89
C ARG A 325 6.42 -8.54 4.37
N ALA A 326 6.03 -8.84 3.14
CA ALA A 326 4.93 -8.14 2.48
C ALA A 326 3.58 -8.50 3.06
N GLN A 327 3.45 -9.73 3.56
CA GLN A 327 2.19 -10.19 4.14
C GLN A 327 1.93 -9.47 5.46
N VAL A 328 2.84 -9.65 6.41
CA VAL A 328 2.70 -9.05 7.73
C VAL A 328 2.77 -7.52 7.64
N GLY A 329 3.51 -7.03 6.66
CA GLY A 329 3.66 -5.59 6.47
C GLY A 329 2.35 -4.90 6.19
N THR A 330 1.34 -5.65 5.77
CA THR A 330 0.04 -5.07 5.44
C THR A 330 -1.01 -5.35 6.50
N PRO A 332 -2.77 -5.23 10.17
CA PRO A 332 -2.86 -4.27 11.27
C PRO A 332 -2.24 -4.79 12.57
N VAL A 333 -1.75 -3.88 13.40
CA VAL A 333 -1.20 -4.24 14.70
C VAL A 333 -2.23 -5.00 15.53
N GLY A 334 -1.77 -5.93 16.35
CA GLY A 334 -2.65 -6.68 17.21
C GLY A 334 -3.35 -7.82 16.49
N SER A 335 -2.88 -8.13 15.29
CA SER A 335 -3.42 -9.24 14.52
C SER A 335 -2.90 -10.57 15.06
N LYS A 336 -3.81 -11.52 15.27
CA LYS A 336 -3.42 -12.86 15.70
C LYS A 336 -3.11 -13.72 14.49
N LEU A 337 -1.87 -14.19 14.42
CA LEU A 337 -1.42 -15.04 13.32
C LEU A 337 -0.67 -16.25 13.86
N THR A 338 -0.28 -17.15 12.97
CA THR A 338 0.44 -18.35 13.36
C THR A 338 1.46 -18.73 12.30
N LEU A 339 2.66 -19.12 12.74
CA LEU A 339 3.74 -19.40 11.83
C LEU A 339 4.20 -20.86 11.84
N GLY A 340 4.49 -21.38 10.66
CA GLY A 340 5.13 -22.68 10.53
C GLY A 340 6.63 -22.48 10.51
N LEU A 341 7.33 -23.15 11.41
CA LEU A 341 8.78 -23.02 11.51
C LEU A 341 9.47 -24.36 11.38
N LEU A 342 10.71 -24.31 10.89
CA LEU A 342 11.55 -25.49 10.80
C LEU A 342 12.84 -25.22 11.54
N ARG A 343 13.06 -25.93 12.63
CA ARG A 343 14.33 -25.86 13.35
C ARG A 343 14.86 -27.26 13.62
N ASP A 344 16.10 -27.50 13.20
CA ASP A 344 16.71 -28.83 13.32
C ASP A 344 15.82 -29.88 12.66
N GLY A 345 15.39 -29.60 11.43
CA GLY A 345 14.57 -30.53 10.67
C GLY A 345 13.31 -30.95 11.40
N LYS A 346 12.89 -30.16 12.39
CA LYS A 346 11.67 -30.45 13.12
C LYS A 346 10.62 -29.35 12.90
N GLN A 347 9.40 -29.76 12.57
CA GLN A 347 8.32 -28.81 12.31
C GLN A 347 7.80 -28.22 13.62
N VAL A 348 7.63 -26.91 13.64
CA VAL A 348 7.11 -26.20 14.79
C VAL A 348 5.91 -25.35 14.38
N ASN A 349 5.02 -25.08 15.33
CA ASN A 349 3.95 -24.11 15.12
C ASN A 349 3.93 -23.11 16.27
N VAL A 350 3.64 -21.85 15.93
CA VAL A 350 3.70 -20.79 16.93
C VAL A 350 2.54 -19.80 16.79
N ASN A 351 2.07 -19.28 17.92
CA ASN A 351 1.03 -18.26 17.92
C ASN A 351 1.61 -16.89 18.24
N LEU A 352 1.44 -15.95 17.31
CA LEU A 352 2.00 -14.62 17.44
C LEU A 352 0.94 -13.53 17.41
N GLU A 353 1.35 -12.33 17.84
CA GLU A 353 0.48 -11.16 17.78
C GLU A 353 1.32 -9.95 17.40
N LEU A 354 0.98 -9.33 16.27
CA LEU A 354 1.73 -8.17 15.79
C LEU A 354 1.84 -7.07 16.84
N GLN A 355 2.90 -6.28 16.74
CA GLN A 355 3.16 -5.24 17.73
C GLN A 355 3.57 -3.92 17.08
N GLN A 356 3.67 -2.89 17.90
CA GLN A 356 4.07 -1.56 17.43
C GLN A 356 5.36 -1.65 16.63
N SER A 357 5.54 -0.72 15.70
CA SER A 357 6.70 -0.69 14.84
C SER A 357 7.24 0.74 14.70
N SER A 358 8.45 0.86 14.16
CA SER A 358 9.08 2.17 13.99
C SER A 358 8.81 2.76 12.61
N GLN A 359 8.11 2.01 11.76
CA GLN A 359 7.89 2.42 10.37
C GLN A 359 6.62 3.23 10.17
N ASN A 360 5.94 3.57 11.27
CA ASN A 360 4.66 4.26 11.19
C ASN A 360 4.72 5.67 10.61
N GLN A 361 5.83 6.36 10.85
CA GLN A 361 5.97 7.78 10.50
C GLN A 361 5.87 8.08 9.00
N VAL A 362 5.26 9.22 8.68
CA VAL A 362 5.12 9.70 7.30
C VAL A 362 5.45 11.18 7.24
N ASP A 363 5.90 11.66 6.08
CA ASP A 363 6.30 13.05 5.91
C ASP A 363 5.13 14.04 5.96
N SER A 364 5.42 15.28 6.35
CA SER A 364 4.42 16.33 6.47
C SER A 364 4.06 16.94 5.11
N SER A 365 4.96 16.75 4.14
CA SER A 365 4.70 17.20 2.77
C SER A 365 3.53 16.42 2.20
N SER A 366 3.33 15.21 2.70
CA SER A 366 2.28 14.32 2.22
C SER A 366 0.89 14.83 2.59
N ILE A 367 0.83 15.71 3.57
CA ILE A 367 -0.46 16.16 4.10
C ILE A 367 -0.72 17.65 3.85
N PHE A 368 0.34 18.45 3.78
CA PHE A 368 0.21 19.88 3.53
C PHE A 368 0.62 20.26 2.12
N ASN A 369 0.91 19.26 1.30
CA ASN A 369 1.33 19.49 -0.08
C ASN A 369 2.35 20.63 -0.18
N GLY A 370 3.54 20.41 0.37
CA GLY A 370 4.62 21.37 0.25
C GLY A 370 5.29 21.79 1.55
N ILE A 371 4.96 21.11 2.64
CA ILE A 371 5.58 21.40 3.93
C ILE A 371 6.51 20.27 4.36
N GLU A 372 7.79 20.39 4.03
CA GLU A 372 8.76 19.33 4.26
C GLU A 372 9.48 19.46 5.60
N GLY A 373 10.05 18.35 6.06
CA GLY A 373 10.90 18.36 7.23
C GLY A 373 10.18 18.16 8.55
N ALA A 374 9.16 17.31 8.53
CA ALA A 374 8.44 16.94 9.73
C ALA A 374 7.69 15.64 9.48
N GLU A 375 8.08 14.59 10.17
CA GLU A 375 7.37 13.32 10.06
C GLU A 375 6.32 13.26 11.15
N SER A 377 2.53 10.85 12.57
CA SER A 377 1.65 9.70 12.46
C SER A 377 0.54 9.80 13.48
N ASN A 378 -0.44 8.91 13.37
CA ASN A 378 -1.49 8.83 14.37
C ASN A 378 -0.90 8.56 15.74
N LYS A 379 -1.69 8.77 16.80
CA LYS A 379 -1.20 8.54 18.15
C LYS A 379 -2.16 7.67 18.95
N GLY A 380 -1.63 6.60 19.53
CA GLY A 380 -2.45 5.65 20.26
C GLY A 380 -3.67 5.31 19.42
N LYS A 381 -4.85 5.45 20.01
CA LYS A 381 -6.09 5.29 19.26
C LYS A 381 -6.88 6.59 19.30
N ASP A 382 -6.96 7.26 18.16
CA ASP A 382 -7.77 8.47 18.04
C ASP A 382 -7.42 9.50 19.11
N GLN A 383 -6.12 9.71 19.34
CA GLN A 383 -5.66 10.68 20.33
C GLN A 383 -5.00 11.88 19.66
N GLY A 384 -5.18 11.98 18.34
CA GLY A 384 -4.60 13.08 17.59
C GLY A 384 -3.44 12.64 16.71
N VAL A 385 -2.79 13.61 16.08
CA VAL A 385 -1.68 13.32 15.18
C VAL A 385 -0.35 13.81 15.76
N VAL A 386 0.39 12.90 16.40
CA VAL A 386 1.66 13.23 17.00
C VAL A 386 2.75 13.39 15.94
N VAL A 387 3.65 14.36 16.16
CA VAL A 387 4.78 14.55 15.25
C VAL A 387 5.99 13.75 15.73
N ASN A 388 6.48 12.86 14.87
CA ASN A 388 7.56 11.95 15.23
C ASN A 388 8.92 12.61 15.32
N ASN A 389 9.30 13.31 14.26
CA ASN A 389 10.62 13.92 14.17
C ASN A 389 10.61 15.17 13.30
N VAL A 390 11.47 16.13 13.64
CA VAL A 390 11.53 17.40 12.92
C VAL A 390 12.95 17.69 12.46
N LYS A 391 13.09 18.13 11.21
CA LYS A 391 14.39 18.49 10.65
C LYS A 391 14.59 20.00 10.68
N THR A 392 15.84 20.43 10.86
CA THR A 392 16.16 21.84 10.99
C THR A 392 16.27 22.52 9.63
N GLY A 393 15.90 23.79 9.58
CA GLY A 393 16.00 24.57 8.35
C GLY A 393 15.01 24.07 7.30
N THR A 394 13.79 23.78 7.73
CA THR A 394 12.76 23.27 6.84
C THR A 394 11.46 24.07 6.99
N PRO A 395 10.62 24.05 5.95
CA PRO A 395 9.38 24.84 5.91
C PRO A 395 8.47 24.60 7.12
N ALA A 396 8.52 23.40 7.67
CA ALA A 396 7.66 23.03 8.80
C ALA A 396 8.08 23.73 10.09
N ALA A 397 9.37 23.68 10.39
CA ALA A 397 9.90 24.29 11.61
C ALA A 397 9.88 25.80 11.53
N GLN A 398 9.62 26.34 10.34
CA GLN A 398 9.58 27.78 10.13
C GLN A 398 8.30 28.40 10.66
N ILE A 399 7.29 27.57 10.90
CA ILE A 399 6.03 28.04 11.48
C ILE A 399 5.96 27.69 12.96
N GLY A 400 6.97 26.99 13.45
CA GLY A 400 7.06 26.67 14.86
C GLY A 400 7.16 25.19 15.17
N LEU A 401 6.49 24.37 14.34
CA LEU A 401 6.40 22.92 14.57
C LEU A 401 7.65 22.28 15.17
N LYS A 402 7.45 21.54 16.26
CA LYS A 402 8.54 20.81 16.91
C LYS A 402 8.09 19.38 17.21
N LYS A 403 9.02 18.44 17.13
CA LYS A 403 8.70 17.04 17.39
C LYS A 403 8.21 16.85 18.81
N GLY A 404 7.23 15.97 19.00
CA GLY A 404 6.64 15.75 20.30
C GLY A 404 5.25 16.34 20.39
N ASP A 405 4.93 17.24 19.46
CA ASP A 405 3.63 17.92 19.46
C ASP A 405 2.50 16.97 19.07
N VAL A 406 1.32 17.22 19.62
CA VAL A 406 0.15 16.39 19.35
C VAL A 406 -1.05 17.23 18.90
N ILE A 407 -1.35 17.19 17.61
CA ILE A 407 -2.46 17.94 17.05
C ILE A 407 -3.83 17.46 17.55
N ILE A 408 -4.45 18.25 18.42
CA ILE A 408 -5.77 17.92 18.97
C ILE A 408 -6.90 18.30 18.01
N GLY A 409 -6.73 19.43 17.32
CA GLY A 409 -7.75 19.89 16.40
C GLY A 409 -7.24 20.96 15.47
N ALA A 410 -8.06 21.30 14.46
CA ALA A 410 -7.71 22.35 13.51
C ALA A 410 -8.94 23.15 13.13
N ASN A 411 -8.84 24.47 13.23
CA ASN A 411 -9.95 25.36 12.89
C ASN A 411 -11.25 24.99 13.59
N GLN A 412 -11.15 24.74 14.90
CA GLN A 412 -12.32 24.48 15.73
C GLN A 412 -12.98 23.13 15.47
N GLN A 413 -12.35 22.32 14.62
CA GLN A 413 -12.81 20.95 14.39
C GLN A 413 -11.87 19.98 15.08
N ALA A 414 -12.44 18.97 15.74
CA ALA A 414 -11.65 18.01 16.50
C ALA A 414 -10.86 17.08 15.57
N VAL A 415 -9.63 16.77 15.94
CA VAL A 415 -8.78 15.89 15.16
C VAL A 415 -8.34 14.67 15.95
N LYS A 416 -8.75 13.49 15.49
CA LYS A 416 -8.44 12.24 16.16
C LYS A 416 -7.36 11.47 15.41
N ASN A 417 -7.41 11.57 14.09
CA ASN A 417 -6.44 10.90 13.23
C ASN A 417 -6.13 11.72 11.99
N ILE A 418 -5.28 11.18 11.12
CA ILE A 418 -4.85 11.89 9.93
C ILE A 418 -5.97 12.10 8.92
N ALA A 419 -6.96 11.22 8.94
CA ALA A 419 -8.10 11.35 8.03
C ALA A 419 -8.93 12.59 8.36
N GLU A 420 -9.27 12.75 9.64
CA GLU A 420 -10.02 13.91 10.10
C GLU A 420 -9.28 15.21 9.80
N LEU A 421 -7.96 15.17 9.91
CA LEU A 421 -7.12 16.33 9.63
C LEU A 421 -7.15 16.65 8.13
N ARG A 422 -7.02 15.61 7.32
CA ARG A 422 -7.06 15.76 5.87
C ARG A 422 -8.42 16.28 5.44
N LYS A 423 -9.44 16.01 6.25
CA LYS A 423 -10.81 16.40 5.94
C LYS A 423 -11.01 17.91 6.13
N VAL A 424 -10.17 18.52 6.96
CA VAL A 424 -10.21 19.95 7.20
C VAL A 424 -9.49 20.70 6.10
N LEU A 425 -8.40 20.10 5.60
CA LEU A 425 -7.62 20.68 4.53
C LEU A 425 -8.34 20.57 3.19
N ASP A 426 -9.22 19.57 3.08
CA ASP A 426 -10.04 19.42 1.88
C ASP A 426 -10.95 20.61 1.73
N SER A 427 -11.34 21.20 2.86
CA SER A 427 -12.13 22.42 2.88
C SER A 427 -11.33 23.55 2.24
N LYS A 428 -10.01 23.48 2.38
CA LYS A 428 -9.10 24.48 1.82
C LYS A 428 -9.33 25.89 2.35
N PRO A 429 -9.17 26.07 3.67
CA PRO A 429 -9.31 27.38 4.29
C PRO A 429 -8.09 28.27 4.01
N SER A 430 -8.32 29.57 3.95
CA SER A 430 -7.23 30.52 3.70
C SER A 430 -6.16 30.44 4.77
N VAL A 431 -6.59 30.36 6.02
CA VAL A 431 -5.68 30.24 7.14
C VAL A 431 -5.95 28.98 7.94
N LEU A 432 -4.90 28.23 8.26
CA LEU A 432 -5.02 27.00 9.02
C LEU A 432 -4.54 27.20 10.45
N ALA A 433 -5.40 26.84 11.41
CA ALA A 433 -5.11 27.11 12.82
C ALA A 433 -5.09 25.83 13.65
N LEU A 434 -3.89 25.31 13.88
CA LEU A 434 -3.72 24.03 14.56
C LEU A 434 -3.67 24.17 16.08
N ASN A 435 -4.48 23.37 16.75
CA ASN A 435 -4.51 23.34 18.21
C ASN A 435 -3.69 22.17 18.75
N ILE A 436 -2.37 22.35 18.80
CA ILE A 436 -1.47 21.31 19.24
C ILE A 436 -1.18 21.43 20.73
N GLN A 437 -0.57 20.40 21.32
CA GLN A 437 -0.19 20.45 22.73
C GLN A 437 1.25 20.01 22.97
N ARG A 438 2.07 20.95 23.44
CA ARG A 438 3.44 20.67 23.85
C ARG A 438 3.49 20.53 25.36
N GLY A 439 3.90 19.36 25.84
CA GLY A 439 3.90 19.09 27.26
C GLY A 439 2.51 19.27 27.82
N ASP A 440 2.41 19.99 28.94
CA ASP A 440 1.13 20.19 29.60
C ASP A 440 0.41 21.42 29.06
N SER A 441 1.02 22.09 28.09
CA SER A 441 0.47 23.32 27.55
C SER A 441 -0.25 23.12 26.22
N THR A 442 -1.32 23.88 26.03
CA THR A 442 -2.02 23.91 24.74
C THR A 442 -1.65 25.20 24.01
N ILE A 443 -1.30 25.06 22.73
CA ILE A 443 -0.93 26.22 21.92
C ILE A 443 -1.57 26.17 20.53
N TYR A 444 -1.30 27.17 19.70
CA TYR A 444 -1.84 27.24 18.36
C TYR A 444 -0.79 27.61 17.33
N LEU A 445 -0.87 26.98 16.16
CA LEU A 445 0.00 27.34 15.04
C LEU A 445 -0.83 27.80 13.84
N LEU A 446 -0.52 28.98 13.33
CA LEU A 446 -1.27 29.56 12.23
C LEU A 446 -0.50 29.39 10.92
N GLN A 448 -0.45 30.52 6.68
CA GLN A 448 -0.91 31.43 5.65
C GLN A 448 -1.40 32.74 6.24
N UNK B 1 14.91 -1.04 -17.81
CA UNK B 1 14.58 -1.99 -16.74
C UNK B 1 13.16 -1.80 -16.25
N UNK B 2 12.94 -1.99 -14.96
CA UNK B 2 11.62 -1.84 -14.36
C UNK B 2 11.22 -0.37 -14.27
N UNK B 3 9.97 -0.08 -14.58
CA UNK B 3 9.46 1.29 -14.52
C UNK B 3 7.99 1.30 -14.14
N UNK B 4 7.60 2.27 -13.32
CA UNK B 4 6.21 2.43 -12.93
C UNK B 4 5.34 2.68 -14.16
N UNK B 5 4.04 2.42 -14.02
CA UNK B 5 3.10 2.62 -15.12
C UNK B 5 2.07 3.68 -14.76
N UNK C 1 24.19 -14.22 2.88
CA UNK C 1 23.79 -14.32 1.48
C UNK C 1 23.38 -12.96 0.93
N UNK C 2 22.84 -12.11 1.81
CA UNK C 2 22.42 -10.76 1.41
C UNK C 2 22.15 -9.90 2.63
N UNK C 3 21.81 -8.63 2.40
CA UNK C 3 21.49 -7.71 3.47
C UNK C 3 20.28 -8.22 4.27
N UNK C 4 20.38 -8.15 5.59
CA UNK C 4 19.30 -8.62 6.45
C UNK C 4 18.18 -7.60 6.55
N UNK C 5 16.98 -8.00 6.12
CA UNK C 5 15.80 -7.13 6.21
C UNK C 5 15.02 -7.43 7.49
N UNK C 6 14.13 -6.51 7.85
CA UNK C 6 13.38 -6.63 9.10
C UNK C 6 11.90 -6.90 8.87
N UNK C 7 11.43 -8.06 9.32
CA UNK C 7 10.02 -8.41 9.23
C UNK C 7 9.33 -8.19 10.59
#